data_6WPU
#
_entry.id   6WPU
#
_cell.length_a   139.717
_cell.length_b   139.717
_cell.length_c   77.873
_cell.angle_alpha   90.000
_cell.angle_beta   90.000
_cell.angle_gamma   120.000
#
_symmetry.space_group_name_H-M   'P 31 2 1'
#
loop_
_entity.id
_entity.type
_entity.pdbx_description
1 polymer 'Flavin-containing monooxygenase'
2 non-polymer 'FLAVIN-ADENINE DINUCLEOTIDE'
3 non-polymer 'SULFATE ION'
4 water water
#
_entity_poly.entity_id   1
_entity_poly.type   'polypeptide(L)'
_entity_poly.pdbx_seq_one_letter_code
;AMVSSSCSSIPKMPVTPLSLVTRHVAIIGAGAAGLVTARELRREGHTTTIFERGSSIGGTWIYTPDTEPDPMSQDSSRPI
VHSSLYKSLRTNLPREVMGFLDYPFVEKTNGGDRRRFPGHEEVLDYLERFGREFGVSREVGMEKEVVRVDMEQGGKWTVK
WKGKDGGGGEEGFDAVVVCNGHYTEPRFAEIPGIDVWPGKQMHSHNYRIPEPFHDQVVVIIGSSASAVDISRDVARFAKE
VHIANRSITEGTPAKQPGYDNMWLHSMIKITHNDGSVVFHDGCSVHVDVIMHCTGYVYNFPFLNTNGIVTVDDNRVGPLY
KHVFPPLLAPSLSFVGIPWKIVPFPLCELQSKWIAAVLSGRISLPTKKEMMEDVEAYYKQMEAAGIPKRYTHNIGHNQFD
YDDWLANECGYSCIEEWRRLMYKEVSKNRKERPESYRDEWDDDHLVAQARETFSKFLS
;
_entity_poly.pdbx_strand_id   A
#
# COMPACT_ATOMS: atom_id res chain seq x y z
N LEU A 18 -8.21 26.16 21.25
CA LEU A 18 -7.93 26.25 22.68
C LEU A 18 -6.52 26.80 22.92
N SER A 19 -5.84 26.23 23.92
CA SER A 19 -4.42 26.50 24.16
C SER A 19 -3.64 25.31 23.63
N LEU A 20 -3.25 25.41 22.37
CA LEU A 20 -2.61 24.28 21.70
C LEU A 20 -1.13 24.21 22.05
N VAL A 21 -0.49 23.13 21.63
CA VAL A 21 0.92 22.89 21.86
C VAL A 21 1.56 22.58 20.52
N THR A 22 2.74 23.16 20.27
CA THR A 22 3.47 22.91 19.05
C THR A 22 4.61 21.93 19.34
N ARG A 23 4.72 20.88 18.53
CA ARG A 23 5.75 19.87 18.65
C ARG A 23 6.60 19.88 17.39
N HIS A 24 7.82 19.38 17.52
CA HIS A 24 8.73 19.19 16.41
C HIS A 24 8.76 17.70 16.07
N VAL A 25 8.37 17.36 14.84
CA VAL A 25 7.99 15.99 14.46
C VAL A 25 8.77 15.55 13.23
N ALA A 26 9.30 14.33 13.29
CA ALA A 26 9.93 13.74 12.11
C ALA A 26 8.90 12.96 11.30
N ILE A 27 8.99 13.08 9.98
CA ILE A 27 8.20 12.29 9.05
C ILE A 27 9.16 11.43 8.24
N ILE A 28 8.98 10.13 8.30
CA ILE A 28 9.84 9.19 7.61
C ILE A 28 9.10 8.74 6.37
N GLY A 29 9.47 9.30 5.22
CA GLY A 29 8.97 8.94 3.90
C GLY A 29 8.14 10.08 3.33
N ALA A 30 8.27 10.31 2.02
CA ALA A 30 7.48 11.31 1.33
C ALA A 30 6.72 10.71 0.15
N GLY A 31 6.14 9.52 0.34
CA GLY A 31 5.07 9.05 -0.51
C GLY A 31 3.80 9.77 -0.13
N ALA A 32 2.67 9.24 -0.61
CA ALA A 32 1.38 9.87 -0.31
C ALA A 32 1.16 10.03 1.19
N ALA A 33 1.52 9.00 1.97
CA ALA A 33 1.30 9.07 3.42
C ALA A 33 2.10 10.21 4.04
N GLY A 34 3.41 10.27 3.77
CA GLY A 34 4.25 11.33 4.30
C GLY A 34 3.83 12.71 3.82
N LEU A 35 3.44 12.84 2.56
CA LEU A 35 3.02 14.14 2.04
C LEU A 35 1.82 14.68 2.81
N VAL A 36 0.77 13.86 3.00
CA VAL A 36 -0.40 14.40 3.67
C VAL A 36 -0.12 14.56 5.16
N THR A 37 0.73 13.71 5.73
CA THR A 37 1.11 13.86 7.13
C THR A 37 1.81 15.19 7.37
N ALA A 38 2.71 15.57 6.46
CA ALA A 38 3.39 16.85 6.56
C ALA A 38 2.39 17.99 6.55
N ARG A 39 1.40 17.92 5.65
CA ARG A 39 0.39 18.97 5.58
C ARG A 39 -0.41 19.06 6.87
N GLU A 40 -0.88 17.90 7.38
CA GLU A 40 -1.75 17.92 8.54
C GLU A 40 -1.01 18.34 9.81
N LEU A 41 0.27 17.98 9.94
CA LEU A 41 1.06 18.48 11.06
C LEU A 41 1.23 19.98 10.97
N ARG A 42 1.53 20.51 9.77
CA ARG A 42 1.69 21.94 9.61
C ARG A 42 0.39 22.69 9.92
N ARG A 43 -0.74 22.15 9.45
CA ARG A 43 -2.02 22.81 9.68
C ARG A 43 -2.33 22.95 11.16
N GLU A 44 -1.86 22.01 11.96
CA GLU A 44 -2.12 22.02 13.40
C GLU A 44 -1.08 22.79 14.19
N GLY A 45 -0.10 23.44 13.53
CA GLY A 45 0.88 24.29 14.21
C GLY A 45 2.22 23.65 14.51
N HIS A 46 2.42 22.38 14.15
CA HIS A 46 3.67 21.68 14.44
C HIS A 46 4.73 22.04 13.40
N THR A 47 5.99 21.92 13.81
CA THR A 47 7.11 21.95 12.88
C THR A 47 7.55 20.51 12.58
N THR A 48 8.17 20.32 11.42
CA THR A 48 8.47 18.98 10.93
C THR A 48 9.81 18.98 10.23
N THR A 49 10.42 17.80 10.19
CA THR A 49 11.49 17.47 9.26
C THR A 49 11.06 16.22 8.51
N ILE A 50 11.05 16.30 7.18
CA ILE A 50 10.59 15.21 6.33
C ILE A 50 11.82 14.56 5.71
N PHE A 51 11.97 13.26 5.90
CA PHE A 51 13.09 12.51 5.33
C PHE A 51 12.58 11.66 4.20
N GLU A 52 13.20 11.78 3.03
CA GLU A 52 12.86 10.94 1.87
C GLU A 52 14.14 10.34 1.31
N ARG A 53 14.16 9.00 1.25
CA ARG A 53 15.33 8.29 0.75
C ARG A 53 15.59 8.55 -0.74
N GLY A 54 14.53 8.63 -1.55
CA GLY A 54 14.68 8.86 -2.97
C GLY A 54 14.94 10.31 -3.33
N SER A 55 14.99 10.57 -4.63
CA SER A 55 15.30 11.90 -5.16
C SER A 55 14.06 12.69 -5.53
N SER A 56 12.87 12.09 -5.52
CA SER A 56 11.63 12.80 -5.76
C SER A 56 10.57 12.30 -4.78
N ILE A 57 9.47 13.05 -4.66
CA ILE A 57 8.34 12.62 -3.86
C ILE A 57 7.44 11.68 -4.68
N GLY A 58 6.65 10.88 -3.98
CA GLY A 58 5.61 10.12 -4.64
C GLY A 58 5.64 8.65 -4.28
N GLY A 59 6.78 8.18 -3.78
CA GLY A 59 6.90 6.82 -3.32
C GLY A 59 6.58 5.81 -4.42
N THR A 60 5.66 4.89 -4.08
CA THR A 60 5.28 3.82 -5.00
C THR A 60 4.88 4.34 -6.36
N TRP A 61 4.25 5.52 -6.41
CA TRP A 61 3.66 6.02 -7.65
C TRP A 61 4.70 6.55 -8.64
N ILE A 62 5.98 6.56 -8.27
CA ILE A 62 7.05 6.83 -9.24
C ILE A 62 7.36 5.52 -9.97
N TYR A 63 6.83 5.35 -11.19
CA TYR A 63 7.23 4.18 -11.97
C TYR A 63 8.72 4.21 -12.27
N THR A 64 9.37 3.06 -12.19
CA THR A 64 10.74 2.94 -12.69
C THR A 64 10.88 1.61 -13.41
N PRO A 65 11.56 1.58 -14.55
CA PRO A 65 11.90 0.29 -15.17
C PRO A 65 12.96 -0.46 -14.41
N ASP A 66 13.63 0.19 -13.44
CA ASP A 66 14.59 -0.51 -12.58
C ASP A 66 13.92 -1.67 -11.90
N THR A 67 14.67 -2.77 -11.75
CA THR A 67 14.24 -3.90 -10.95
C THR A 67 15.42 -4.38 -10.12
N GLU A 68 15.13 -5.19 -9.11
CA GLU A 68 16.20 -5.62 -8.24
C GLU A 68 17.01 -6.74 -8.91
N PRO A 69 18.33 -6.78 -8.67
CA PRO A 69 19.16 -7.79 -9.34
C PRO A 69 18.75 -9.22 -9.03
N ASP A 70 18.18 -9.47 -7.84
CA ASP A 70 17.63 -10.78 -7.51
C ASP A 70 16.17 -10.79 -7.92
N PRO A 71 15.78 -11.55 -8.96
CA PRO A 71 14.36 -11.54 -9.39
C PRO A 71 13.40 -11.98 -8.31
N MET A 72 13.86 -12.71 -7.29
CA MET A 72 13.00 -13.11 -6.19
C MET A 72 13.03 -12.09 -5.04
N SER A 73 13.92 -11.11 -5.10
CA SER A 73 14.04 -10.09 -4.05
C SER A 73 14.18 -10.72 -2.67
N GLN A 74 15.05 -11.73 -2.58
CA GLN A 74 15.33 -12.42 -1.32
C GLN A 74 16.75 -12.24 -0.81
N ASP A 75 17.71 -11.92 -1.68
CA ASP A 75 19.08 -11.72 -1.24
C ASP A 75 19.17 -10.48 -0.33
N SER A 76 19.66 -10.67 0.90
CA SER A 76 19.56 -9.60 1.88
C SER A 76 20.47 -8.41 1.55
N SER A 77 21.53 -8.62 0.80
CA SER A 77 22.43 -7.54 0.43
C SER A 77 22.06 -6.88 -0.90
N ARG A 78 20.88 -7.18 -1.45
CA ARG A 78 20.53 -6.68 -2.77
C ARG A 78 20.22 -5.20 -2.72
N PRO A 79 20.52 -4.46 -3.81
CA PRO A 79 19.94 -3.11 -3.95
C PRO A 79 18.42 -3.22 -3.95
N ILE A 80 17.78 -2.21 -3.38
CA ILE A 80 16.32 -2.19 -3.22
C ILE A 80 15.74 -1.23 -4.24
N VAL A 81 14.73 -1.68 -4.98
CA VAL A 81 13.91 -0.79 -5.80
C VAL A 81 12.60 -0.58 -5.05
N HIS A 82 12.22 0.67 -4.82
CA HIS A 82 11.10 0.91 -3.92
CA HIS A 82 11.12 0.84 -3.90
C HIS A 82 9.75 0.63 -4.59
N SER A 83 9.58 1.10 -5.83
CA SER A 83 8.31 0.93 -6.52
C SER A 83 8.10 -0.47 -7.09
N SER A 84 6.86 -0.98 -6.95
CA SER A 84 6.38 -2.21 -7.57
C SER A 84 5.52 -1.98 -8.80
N LEU A 85 5.34 -0.75 -9.26
CA LEU A 85 4.43 -0.51 -10.38
C LEU A 85 4.98 -1.13 -11.65
N TYR A 86 4.11 -1.70 -12.47
CA TYR A 86 4.48 -2.10 -13.82
C TYR A 86 4.02 -1.02 -14.79
N LYS A 87 4.57 -1.06 -16.00
CA LYS A 87 4.49 0.13 -16.86
C LYS A 87 3.05 0.46 -17.26
N SER A 88 2.23 -0.55 -17.53
CA SER A 88 0.87 -0.28 -18.00
C SER A 88 -0.13 -0.07 -16.88
N LEU A 89 0.30 -0.08 -15.61
CA LEU A 89 -0.64 -0.07 -14.50
C LEU A 89 -1.57 1.14 -14.58
N ARG A 90 -2.87 0.87 -14.41
CA ARG A 90 -3.91 1.85 -14.18
C ARG A 90 -4.49 1.64 -12.78
N THR A 91 -5.14 2.70 -12.25
CA THR A 91 -5.71 2.60 -10.91
C THR A 91 -6.78 1.50 -10.88
N ASN A 92 -6.89 0.81 -9.74
CA ASN A 92 -7.97 -0.15 -9.57
C ASN A 92 -9.16 0.46 -8.83
N LEU A 93 -9.13 1.77 -8.60
CA LEU A 93 -10.22 2.54 -8.03
C LEU A 93 -10.50 3.73 -8.96
N PRO A 94 -11.75 4.13 -9.11
CA PRO A 94 -12.04 5.33 -9.90
C PRO A 94 -11.45 6.54 -9.23
N ARG A 95 -11.02 7.51 -10.05
CA ARG A 95 -10.20 8.58 -9.51
C ARG A 95 -10.96 9.43 -8.49
N GLU A 96 -12.30 9.54 -8.60
CA GLU A 96 -13.07 10.31 -7.63
C GLU A 96 -12.91 9.72 -6.23
N VAL A 97 -12.85 8.39 -6.13
CA VAL A 97 -12.76 7.71 -4.84
C VAL A 97 -11.38 7.92 -4.21
N MET A 98 -10.33 8.03 -5.03
CA MET A 98 -8.96 8.00 -4.54
C MET A 98 -8.47 9.30 -3.92
N GLY A 99 -9.06 10.44 -4.26
CA GLY A 99 -8.47 11.71 -3.89
C GLY A 99 -8.56 12.03 -2.41
N PHE A 100 -7.57 12.79 -1.92
CA PHE A 100 -7.69 13.40 -0.60
C PHE A 100 -9.01 14.15 -0.46
N LEU A 101 -9.53 14.15 0.78
CA LEU A 101 -10.88 14.65 1.04
C LEU A 101 -11.04 16.12 0.68
N ASP A 102 -9.98 16.93 0.75
CA ASP A 102 -10.11 18.33 0.41
C ASP A 102 -9.33 18.69 -0.85
N TYR A 103 -9.06 17.70 -1.71
CA TYR A 103 -8.25 17.90 -2.90
C TYR A 103 -8.68 16.90 -3.95
N PRO A 104 -9.81 17.16 -4.62
CA PRO A 104 -10.39 16.14 -5.51
C PRO A 104 -9.45 15.74 -6.63
N PHE A 105 -9.39 14.43 -6.88
CA PHE A 105 -8.53 13.88 -7.94
C PHE A 105 -9.24 14.00 -9.29
N VAL A 106 -9.54 15.24 -9.65
CA VAL A 106 -10.23 15.52 -10.91
C VAL A 106 -9.22 15.65 -12.04
N GLU A 107 -9.71 15.74 -13.26
CA GLU A 107 -8.86 15.96 -14.43
C GLU A 107 -8.13 17.30 -14.31
N LYS A 108 -6.97 17.39 -14.95
CA LYS A 108 -6.30 18.66 -15.13
C LYS A 108 -7.16 19.58 -16.01
N THR A 109 -6.87 20.88 -15.96
CA THR A 109 -7.60 21.83 -16.81
C THR A 109 -7.32 21.58 -18.27
N ASN A 110 -6.06 21.34 -18.62
CA ASN A 110 -5.65 20.98 -19.98
C ASN A 110 -4.68 19.81 -19.90
N GLY A 111 -5.05 18.69 -20.50
CA GLY A 111 -4.12 17.61 -20.75
C GLY A 111 -4.19 16.49 -19.72
N GLY A 112 -3.13 15.68 -19.73
CA GLY A 112 -3.02 14.57 -18.80
C GLY A 112 -3.88 13.40 -19.21
N ASP A 113 -3.88 12.38 -18.34
CA ASP A 113 -4.69 11.19 -18.53
C ASP A 113 -6.06 11.49 -17.93
N ARG A 114 -7.03 11.82 -18.79
CA ARG A 114 -8.35 12.23 -18.35
C ARG A 114 -9.28 11.05 -18.03
N ARG A 115 -8.78 9.83 -18.05
CA ARG A 115 -9.64 8.67 -17.84
C ARG A 115 -10.07 8.56 -16.39
N ARG A 116 -11.26 8.00 -16.18
CA ARG A 116 -11.75 7.77 -14.82
C ARG A 116 -10.82 6.86 -14.06
N PHE A 117 -10.25 5.85 -14.72
CA PHE A 117 -9.23 4.97 -14.14
C PHE A 117 -7.93 5.24 -14.88
N PRO A 118 -7.16 6.24 -14.47
CA PRO A 118 -5.99 6.64 -15.25
C PRO A 118 -4.78 5.78 -14.94
N GLY A 119 -3.72 6.01 -15.72
CA GLY A 119 -2.46 5.36 -15.47
C GLY A 119 -1.70 5.97 -14.32
N HIS A 120 -0.69 5.24 -13.85
CA HIS A 120 0.06 5.67 -12.67
C HIS A 120 0.66 7.06 -12.83
N GLU A 121 1.03 7.44 -14.06
CA GLU A 121 1.58 8.78 -14.29
C GLU A 121 0.63 9.86 -13.82
N GLU A 122 -0.67 9.65 -14.01
CA GLU A 122 -1.65 10.64 -13.61
C GLU A 122 -1.74 10.75 -12.10
N VAL A 123 -1.55 9.63 -11.39
CA VAL A 123 -1.59 9.68 -9.93
C VAL A 123 -0.35 10.40 -9.41
N LEU A 124 0.81 10.12 -10.00
CA LEU A 124 2.02 10.81 -9.58
C LEU A 124 1.91 12.31 -9.79
N ASP A 125 1.38 12.73 -10.95
CA ASP A 125 1.20 14.15 -11.19
C ASP A 125 0.26 14.76 -10.15
N TYR A 126 -0.77 14.02 -9.75
CA TYR A 126 -1.67 14.48 -8.71
C TYR A 126 -0.93 14.70 -7.39
N LEU A 127 -0.08 13.74 -6.99
CA LEU A 127 0.68 13.91 -5.75
C LEU A 127 1.65 15.07 -5.86
N GLU A 128 2.24 15.29 -7.04
CA GLU A 128 3.15 16.41 -7.20
C GLU A 128 2.41 17.74 -7.12
N ARG A 129 1.22 17.82 -7.74
CA ARG A 129 0.40 19.01 -7.60
C ARG A 129 0.02 19.24 -6.14
N PHE A 130 -0.38 18.17 -5.45
CA PHE A 130 -0.64 18.23 -4.02
C PHE A 130 0.56 18.80 -3.27
N GLY A 131 1.74 18.20 -3.47
CA GLY A 131 2.93 18.65 -2.76
C GLY A 131 3.24 20.13 -3.00
N ARG A 132 2.95 20.64 -4.19
CA ARG A 132 3.10 22.07 -4.45
C ARG A 132 1.98 22.86 -3.80
N GLU A 133 0.73 22.41 -3.97
CA GLU A 133 -0.40 23.21 -3.52
C GLU A 133 -0.33 23.50 -2.03
N PHE A 134 0.12 22.53 -1.24
CA PHE A 134 0.13 22.66 0.20
C PHE A 134 1.52 22.91 0.76
N GLY A 135 2.46 23.33 -0.10
CA GLY A 135 3.79 23.75 0.34
C GLY A 135 4.61 22.68 1.00
N VAL A 136 4.32 21.41 0.74
CA VAL A 136 5.04 20.31 1.37
C VAL A 136 6.30 19.94 0.61
N SER A 137 6.22 19.86 -0.73
CA SER A 137 7.34 19.35 -1.53
C SER A 137 8.63 20.12 -1.25
N ARG A 138 8.55 21.44 -1.20
CA ARG A 138 9.73 22.26 -1.07
C ARG A 138 10.45 22.03 0.25
N GLU A 139 9.80 21.40 1.23
CA GLU A 139 10.42 21.17 2.54
C GLU A 139 10.98 19.76 2.70
N VAL A 140 10.78 18.87 1.73
CA VAL A 140 11.20 17.49 1.91
C VAL A 140 12.73 17.41 1.79
N GLY A 141 13.38 16.83 2.78
CA GLY A 141 14.81 16.56 2.67
C GLY A 141 15.07 15.33 1.80
N MET A 142 15.54 15.54 0.57
CA MET A 142 15.69 14.47 -0.41
C MET A 142 16.98 13.70 -0.21
N GLU A 143 16.98 12.42 -0.63
CA GLU A 143 18.18 11.59 -0.59
C GLU A 143 18.72 11.47 0.83
N LYS A 144 17.80 11.39 1.78
CA LYS A 144 18.13 11.24 3.19
C LYS A 144 17.44 9.99 3.66
N GLU A 145 18.20 8.92 3.85
CA GLU A 145 17.64 7.65 4.26
C GLU A 145 17.74 7.49 5.78
N VAL A 146 16.59 7.37 6.43
CA VAL A 146 16.59 7.15 7.87
C VAL A 146 17.10 5.75 8.15
N VAL A 147 18.18 5.64 8.92
CA VAL A 147 18.78 4.34 9.21
C VAL A 147 18.62 3.96 10.67
N ARG A 148 18.25 4.89 11.54
CA ARG A 148 18.15 4.57 12.96
C ARG A 148 17.21 5.57 13.63
N VAL A 149 16.27 5.05 14.42
CA VAL A 149 15.34 5.85 15.20
C VAL A 149 15.36 5.32 16.62
N ASP A 150 15.80 6.15 17.57
CA ASP A 150 16.02 5.73 18.95
C ASP A 150 15.33 6.69 19.92
N MET A 151 14.75 6.12 20.97
CA MET A 151 14.15 6.91 22.03
C MET A 151 15.24 7.33 22.99
N GLU A 152 15.25 8.61 23.35
CA GLU A 152 16.21 9.13 24.31
C GLU A 152 15.59 9.18 25.68
N GLN A 153 16.44 9.11 26.71
CA GLN A 153 15.98 9.25 28.09
C GLN A 153 15.37 10.63 28.26
N GLY A 154 14.04 10.69 28.36
CA GLY A 154 13.33 11.94 28.40
C GLY A 154 12.07 11.87 27.57
N GLY A 155 12.00 10.85 26.72
CA GLY A 155 10.87 10.67 25.82
C GLY A 155 11.03 11.30 24.46
N LYS A 156 12.18 11.90 24.17
CA LYS A 156 12.41 12.43 22.85
C LYS A 156 13.02 11.35 21.94
N TRP A 157 13.04 11.63 20.64
CA TRP A 157 13.52 10.67 19.66
C TRP A 157 14.68 11.29 18.89
N THR A 158 15.65 10.45 18.53
CA THR A 158 16.72 10.83 17.63
C THR A 158 16.55 10.05 16.34
N VAL A 159 16.49 10.78 15.22
CA VAL A 159 16.46 10.20 13.90
C VAL A 159 17.83 10.39 13.27
N LYS A 160 18.47 9.29 12.91
CA LYS A 160 19.76 9.31 12.24
C LYS A 160 19.56 8.90 10.78
N TRP A 161 20.17 9.64 9.86
CA TRP A 161 19.95 9.45 8.44
C TRP A 161 21.29 9.39 7.71
N LYS A 162 21.28 8.78 6.52
CA LYS A 162 22.45 8.68 5.65
C LYS A 162 22.13 9.37 4.33
N GLY A 163 23.10 10.11 3.80
CA GLY A 163 22.94 10.84 2.56
C GLY A 163 23.62 10.15 1.38
N LYS A 164 23.34 10.68 0.18
CA LYS A 164 23.78 10.06 -1.07
C LYS A 164 25.29 9.86 -1.10
N ASP A 165 26.03 10.86 -0.66
CA ASP A 165 27.48 10.91 -0.77
C ASP A 165 28.20 10.00 0.21
N GLY A 166 27.46 9.28 1.05
CA GLY A 166 28.08 8.66 2.20
C GLY A 166 28.19 9.55 3.42
N GLY A 167 27.57 10.73 3.39
CA GLY A 167 27.41 11.53 4.58
C GLY A 167 26.15 11.15 5.34
N GLY A 168 25.86 11.93 6.36
CA GLY A 168 24.64 11.75 7.10
C GLY A 168 24.61 12.71 8.27
N GLY A 169 23.63 12.49 9.14
CA GLY A 169 23.51 13.28 10.33
C GLY A 169 22.40 12.74 11.20
N GLU A 170 21.97 13.58 12.15
CA GLU A 170 20.89 13.20 13.05
C GLU A 170 20.21 14.44 13.60
N GLU A 171 19.04 14.22 14.19
CA GLU A 171 18.24 15.33 14.70
C GLU A 171 17.32 14.80 15.79
N GLY A 172 17.06 15.63 16.79
CA GLY A 172 16.17 15.27 17.88
C GLY A 172 14.76 15.75 17.62
N PHE A 173 13.78 15.00 18.13
CA PHE A 173 12.37 15.26 17.84
C PHE A 173 11.52 14.99 19.08
N ASP A 174 10.40 15.69 19.15
CA ASP A 174 9.36 15.34 20.12
C ASP A 174 8.59 14.09 19.71
N ALA A 175 8.44 13.87 18.41
CA ALA A 175 7.58 12.80 17.92
C ALA A 175 8.06 12.37 16.55
N VAL A 176 7.77 11.12 16.21
CA VAL A 176 8.15 10.54 14.93
C VAL A 176 6.91 9.89 14.32
N VAL A 177 6.61 10.24 13.07
CA VAL A 177 5.54 9.59 12.32
C VAL A 177 6.17 8.74 11.22
N VAL A 178 5.92 7.43 11.26
CA VAL A 178 6.51 6.50 10.29
C VAL A 178 5.57 6.37 9.10
N CYS A 179 6.06 6.77 7.92
CA CYS A 179 5.26 6.78 6.68
C CYS A 179 6.01 6.07 5.55
N ASN A 180 6.63 4.93 5.84
CA ASN A 180 7.61 4.36 4.93
C ASN A 180 7.00 3.38 3.94
N GLY A 181 5.69 3.17 3.95
CA GLY A 181 5.03 2.24 3.05
C GLY A 181 5.23 0.78 3.44
N HIS A 182 4.44 -0.11 2.83
CA HIS A 182 4.55 -1.54 3.08
C HIS A 182 4.37 -2.35 1.80
N TYR A 183 4.82 -1.84 0.66
CA TYR A 183 4.69 -2.57 -0.60
C TYR A 183 6.05 -2.70 -1.30
N THR A 184 7.07 -3.05 -0.53
CA THR A 184 8.42 -3.17 -1.08
C THR A 184 9.12 -4.47 -0.69
N GLU A 185 8.96 -4.92 0.56
CA GLU A 185 9.56 -6.16 0.99
C GLU A 185 8.60 -7.32 0.71
N PRO A 186 8.97 -8.28 -0.15
CA PRO A 186 8.01 -9.29 -0.62
C PRO A 186 7.74 -10.39 0.40
N ARG A 187 6.54 -10.97 0.28
CA ARG A 187 6.27 -12.27 0.86
C ARG A 187 5.94 -13.25 -0.27
N PHE A 188 6.03 -14.53 0.03
CA PHE A 188 6.10 -15.55 -1.02
C PHE A 188 5.11 -16.67 -0.79
N ALA A 189 4.84 -17.40 -1.88
CA ALA A 189 4.03 -18.60 -1.82
C ALA A 189 4.92 -19.80 -1.47
N GLU A 190 4.31 -20.83 -0.88
CA GLU A 190 4.99 -22.09 -0.63
C GLU A 190 4.58 -23.04 -1.74
N ILE A 191 5.52 -23.36 -2.62
CA ILE A 191 5.25 -24.15 -3.82
C ILE A 191 5.82 -25.55 -3.62
N PRO A 192 4.99 -26.59 -3.63
CA PRO A 192 5.51 -27.97 -3.51
C PRO A 192 6.46 -28.31 -4.66
N GLY A 193 7.60 -28.90 -4.29
CA GLY A 193 8.58 -29.35 -5.26
C GLY A 193 9.42 -28.26 -5.90
N ILE A 194 9.31 -27.02 -5.43
CA ILE A 194 9.95 -25.91 -6.13
C ILE A 194 11.48 -26.06 -6.14
N ASP A 195 12.05 -26.79 -5.19
CA ASP A 195 13.50 -26.90 -5.09
C ASP A 195 14.13 -27.67 -6.24
N VAL A 196 13.35 -28.49 -6.96
CA VAL A 196 13.86 -29.20 -8.14
C VAL A 196 13.34 -28.60 -9.44
N TRP A 197 12.55 -27.54 -9.39
CA TRP A 197 12.00 -27.00 -10.63
C TRP A 197 13.04 -26.11 -11.31
N PRO A 198 13.34 -26.34 -12.59
CA PRO A 198 14.49 -25.68 -13.22
C PRO A 198 14.27 -24.30 -13.84
N GLY A 199 13.06 -23.76 -13.84
CA GLY A 199 12.76 -22.55 -14.60
C GLY A 199 13.04 -21.27 -13.84
N LYS A 200 12.46 -20.18 -14.35
CA LYS A 200 12.67 -18.86 -13.79
C LYS A 200 11.62 -18.56 -12.71
N GLN A 201 12.08 -18.14 -11.55
CA GLN A 201 11.23 -17.78 -10.42
C GLN A 201 11.45 -16.31 -10.13
N MET A 202 10.35 -15.57 -9.96
CA MET A 202 10.44 -14.14 -9.66
C MET A 202 9.24 -13.72 -8.81
N HIS A 203 9.39 -12.57 -8.16
CA HIS A 203 8.30 -11.92 -7.45
C HIS A 203 7.78 -10.79 -8.33
N SER A 204 6.47 -10.55 -8.27
CA SER A 204 5.86 -9.47 -9.05
C SER A 204 6.43 -8.11 -8.70
N HIS A 205 7.09 -7.97 -7.55
CA HIS A 205 7.77 -6.71 -7.25
C HIS A 205 8.70 -6.29 -8.38
N ASN A 206 9.22 -7.26 -9.14
CA ASN A 206 10.13 -6.95 -10.24
C ASN A 206 9.44 -7.03 -11.59
N TYR A 207 8.10 -7.11 -11.64
CA TYR A 207 7.43 -7.16 -12.92
C TYR A 207 7.24 -5.75 -13.47
N ARG A 208 7.62 -5.54 -14.72
CA ARG A 208 7.50 -4.21 -15.33
C ARG A 208 6.74 -4.24 -16.66
N ILE A 209 7.11 -5.14 -17.57
CA ILE A 209 6.62 -5.10 -18.93
C ILE A 209 6.42 -6.53 -19.45
N PRO A 210 5.54 -6.74 -20.42
CA PRO A 210 5.24 -8.10 -20.86
C PRO A 210 6.11 -8.63 -21.99
N GLU A 211 6.80 -7.76 -22.73
CA GLU A 211 7.55 -8.22 -23.91
C GLU A 211 8.53 -9.38 -23.64
N PRO A 212 9.32 -9.40 -22.55
CA PRO A 212 10.24 -10.54 -22.35
C PRO A 212 9.53 -11.87 -22.10
N PHE A 213 8.21 -11.88 -21.90
CA PHE A 213 7.44 -13.12 -21.74
C PHE A 213 6.88 -13.62 -23.07
N HIS A 214 7.27 -13.00 -24.18
CA HIS A 214 6.81 -13.40 -25.49
C HIS A 214 6.96 -14.91 -25.71
N ASP A 215 5.84 -15.57 -26.02
CA ASP A 215 5.83 -17.02 -26.30
C ASP A 215 6.26 -17.87 -25.11
N GLN A 216 6.25 -17.34 -23.89
CA GLN A 216 6.57 -18.14 -22.72
C GLN A 216 5.29 -18.71 -22.12
N VAL A 217 5.44 -19.76 -21.32
CA VAL A 217 4.37 -20.27 -20.48
C VAL A 217 4.62 -19.78 -19.06
N VAL A 218 3.67 -19.00 -18.52
CA VAL A 218 3.84 -18.25 -17.28
C VAL A 218 2.78 -18.67 -16.29
N VAL A 219 3.19 -18.95 -15.06
CA VAL A 219 2.28 -19.17 -13.95
C VAL A 219 2.33 -17.96 -13.04
N ILE A 220 1.17 -17.38 -12.74
CA ILE A 220 1.04 -16.27 -11.82
C ILE A 220 0.33 -16.80 -10.58
N ILE A 221 0.99 -16.77 -9.44
CA ILE A 221 0.39 -17.19 -8.17
C ILE A 221 -0.14 -15.95 -7.46
N GLY A 222 -1.46 -15.87 -7.28
CA GLY A 222 -2.04 -14.82 -6.49
C GLY A 222 -3.54 -14.88 -6.50
N SER A 223 -4.19 -14.38 -5.45
CA SER A 223 -5.65 -14.41 -5.35
C SER A 223 -6.30 -13.05 -5.52
N SER A 224 -5.52 -11.99 -5.67
CA SER A 224 -6.04 -10.63 -5.77
C SER A 224 -6.35 -10.26 -7.22
N ALA A 225 -7.08 -9.16 -7.38
CA ALA A 225 -7.33 -8.64 -8.74
C ALA A 225 -6.05 -8.09 -9.35
N SER A 226 -5.10 -7.68 -8.51
CA SER A 226 -3.78 -7.31 -9.02
C SER A 226 -3.13 -8.46 -9.81
N ALA A 227 -3.24 -9.69 -9.29
CA ALA A 227 -2.67 -10.82 -10.02
C ALA A 227 -3.36 -10.99 -11.38
N VAL A 228 -4.66 -10.72 -11.43
CA VAL A 228 -5.36 -10.82 -12.71
C VAL A 228 -4.88 -9.72 -13.67
N ASP A 229 -4.64 -8.51 -13.16
CA ASP A 229 -4.11 -7.42 -13.98
C ASP A 229 -2.77 -7.82 -14.62
N ILE A 230 -1.85 -8.34 -13.82
CA ILE A 230 -0.56 -8.70 -14.35
C ILE A 230 -0.69 -9.83 -15.37
N SER A 231 -1.52 -10.84 -15.04
CA SER A 231 -1.79 -11.94 -15.97
C SER A 231 -2.27 -11.43 -17.31
N ARG A 232 -3.24 -10.50 -17.31
CA ARG A 232 -3.74 -9.97 -18.57
C ARG A 232 -2.65 -9.20 -19.31
N ASP A 233 -1.81 -8.47 -18.56
CA ASP A 233 -0.69 -7.75 -19.17
C ASP A 233 0.28 -8.72 -19.82
N VAL A 234 0.70 -9.76 -19.07
CA VAL A 234 1.61 -10.78 -19.58
C VAL A 234 0.99 -11.51 -20.76
N ALA A 235 -0.32 -11.75 -20.72
CA ALA A 235 -0.99 -12.48 -21.79
C ALA A 235 -0.93 -11.75 -23.12
N ARG A 236 -0.55 -10.47 -23.14
CA ARG A 236 -0.40 -9.73 -24.39
C ARG A 236 0.70 -10.33 -25.27
N PHE A 237 1.71 -10.96 -24.67
CA PHE A 237 2.80 -11.57 -25.42
C PHE A 237 3.03 -13.04 -25.11
N ALA A 238 2.59 -13.52 -23.95
CA ALA A 238 2.89 -14.89 -23.53
C ALA A 238 2.14 -15.90 -24.40
N LYS A 239 2.74 -17.09 -24.55
CA LYS A 239 2.03 -18.18 -25.19
C LYS A 239 0.86 -18.63 -24.32
N GLU A 240 1.11 -18.86 -23.02
CA GLU A 240 0.05 -19.23 -22.09
C GLU A 240 0.28 -18.58 -20.74
N VAL A 241 -0.81 -18.13 -20.11
CA VAL A 241 -0.78 -17.60 -18.75
C VAL A 241 -1.73 -18.46 -17.91
N HIS A 242 -1.23 -18.97 -16.78
CA HIS A 242 -2.00 -19.78 -15.86
C HIS A 242 -1.98 -19.10 -14.50
N ILE A 243 -3.16 -18.76 -13.97
CA ILE A 243 -3.27 -18.15 -12.65
C ILE A 243 -3.56 -19.26 -11.65
N ALA A 244 -2.76 -19.33 -10.58
CA ALA A 244 -3.03 -20.21 -9.45
C ALA A 244 -3.63 -19.32 -8.37
N ASN A 245 -4.95 -19.40 -8.19
CA ASN A 245 -5.69 -18.47 -7.34
C ASN A 245 -6.36 -19.32 -6.27
N ARG A 246 -5.78 -19.32 -5.07
CA ARG A 246 -6.22 -20.28 -4.07
C ARG A 246 -7.60 -19.96 -3.49
N SER A 247 -8.19 -18.82 -3.84
CA SER A 247 -9.57 -18.57 -3.46
C SER A 247 -10.57 -19.26 -4.39
N ILE A 248 -10.12 -19.82 -5.52
CA ILE A 248 -11.00 -20.52 -6.43
C ILE A 248 -11.13 -21.97 -5.96
N THR A 249 -12.35 -22.48 -5.97
CA THR A 249 -12.61 -23.85 -5.60
C THR A 249 -13.40 -24.64 -6.62
N GLU A 250 -14.10 -23.98 -7.53
CA GLU A 250 -15.00 -24.66 -8.47
C GLU A 250 -14.64 -24.30 -9.90
N GLY A 251 -14.89 -25.25 -10.80
CA GLY A 251 -14.85 -25.02 -12.24
C GLY A 251 -13.51 -24.70 -12.86
N THR A 252 -12.45 -25.42 -12.49
CA THR A 252 -11.19 -25.17 -13.18
C THR A 252 -10.71 -26.48 -13.82
N PRO A 253 -9.91 -26.40 -14.91
CA PRO A 253 -9.35 -25.19 -15.54
C PRO A 253 -10.41 -24.33 -16.23
N ALA A 254 -10.42 -23.04 -15.94
CA ALA A 254 -11.37 -22.11 -16.53
C ALA A 254 -10.62 -21.12 -17.41
N LYS A 255 -11.10 -20.92 -18.63
CA LYS A 255 -10.58 -19.86 -19.47
C LYS A 255 -11.02 -18.50 -18.95
N GLN A 256 -10.14 -17.54 -19.03
CA GLN A 256 -10.44 -16.16 -18.69
C GLN A 256 -11.29 -15.54 -19.80
N PRO A 257 -12.48 -15.01 -19.49
CA PRO A 257 -13.29 -14.38 -20.55
C PRO A 257 -12.54 -13.25 -21.23
N GLY A 258 -12.57 -13.26 -22.57
CA GLY A 258 -11.87 -12.27 -23.36
C GLY A 258 -10.45 -12.62 -23.73
N TYR A 259 -9.97 -13.81 -23.37
CA TYR A 259 -8.60 -14.21 -23.65
C TYR A 259 -8.58 -15.67 -24.08
N ASP A 260 -7.86 -15.95 -25.17
CA ASP A 260 -7.72 -17.31 -25.64
C ASP A 260 -6.53 -18.04 -25.01
N ASN A 261 -5.65 -17.31 -24.31
CA ASN A 261 -4.38 -17.87 -23.85
C ASN A 261 -4.18 -17.69 -22.33
N MET A 262 -5.26 -17.57 -21.57
CA MET A 262 -5.18 -17.41 -20.12
C MET A 262 -6.14 -18.37 -19.44
N TRP A 263 -5.63 -19.11 -18.46
CA TRP A 263 -6.44 -20.06 -17.73
C TRP A 263 -6.34 -19.82 -16.23
N LEU A 264 -7.44 -20.12 -15.53
CA LEU A 264 -7.54 -19.96 -14.08
C LEU A 264 -7.51 -21.32 -13.40
N HIS A 265 -6.70 -21.44 -12.36
CA HIS A 265 -6.60 -22.65 -11.57
C HIS A 265 -6.70 -22.29 -10.09
N SER A 266 -6.82 -23.33 -9.28
CA SER A 266 -6.90 -23.11 -7.84
C SER A 266 -5.51 -23.02 -7.22
N MET A 267 -4.67 -24.01 -7.46
CA MET A 267 -3.38 -24.02 -6.78
C MET A 267 -2.44 -24.99 -7.48
N ILE A 268 -1.15 -24.72 -7.33
CA ILE A 268 -0.13 -25.66 -7.76
C ILE A 268 -0.17 -26.87 -6.83
N LYS A 269 -0.28 -28.06 -7.43
CA LYS A 269 -0.16 -29.29 -6.66
C LYS A 269 1.30 -29.73 -6.52
N ILE A 270 2.08 -29.64 -7.58
CA ILE A 270 3.47 -30.09 -7.56
C ILE A 270 4.19 -29.43 -8.73
N THR A 271 5.46 -29.08 -8.54
CA THR A 271 6.36 -28.73 -9.63
C THR A 271 7.41 -29.84 -9.81
N HIS A 272 7.81 -30.08 -11.06
CA HIS A 272 8.67 -31.22 -11.38
C HIS A 272 10.03 -30.78 -11.92
N ASN A 273 10.99 -31.70 -11.81
CA ASN A 273 12.34 -31.48 -12.29
C ASN A 273 12.42 -31.27 -13.79
N ASP A 274 11.44 -31.73 -14.56
CA ASP A 274 11.45 -31.51 -16.00
C ASP A 274 10.77 -30.20 -16.40
N GLY A 275 10.45 -29.33 -15.45
CA GLY A 275 9.84 -28.06 -15.77
C GLY A 275 8.33 -28.05 -15.73
N SER A 276 7.69 -29.22 -15.62
CA SER A 276 6.24 -29.25 -15.61
C SER A 276 5.68 -28.79 -14.26
N VAL A 277 4.49 -28.19 -14.31
CA VAL A 277 3.73 -27.78 -13.13
C VAL A 277 2.35 -28.42 -13.23
N VAL A 278 1.94 -29.11 -12.16
CA VAL A 278 0.64 -29.78 -12.12
C VAL A 278 -0.25 -29.01 -11.16
N PHE A 279 -1.44 -28.64 -11.63
CA PHE A 279 -2.38 -27.94 -10.79
C PHE A 279 -3.31 -28.95 -10.12
N HIS A 280 -3.98 -28.50 -9.06
CA HIS A 280 -4.90 -29.39 -8.36
C HIS A 280 -6.01 -29.90 -9.27
N ASP A 281 -6.45 -29.08 -10.23
CA ASP A 281 -7.47 -29.56 -11.16
C ASP A 281 -6.94 -30.58 -12.17
N GLY A 282 -5.70 -31.05 -12.08
CA GLY A 282 -5.20 -32.02 -13.01
C GLY A 282 -4.44 -31.46 -14.19
N CYS A 283 -4.56 -30.17 -14.47
CA CYS A 283 -3.86 -29.58 -15.60
C CYS A 283 -2.35 -29.61 -15.36
N SER A 284 -1.62 -30.14 -16.34
CA SER A 284 -0.16 -30.22 -16.30
C SER A 284 0.39 -29.47 -17.50
N VAL A 285 1.40 -28.63 -17.27
CA VAL A 285 1.96 -27.85 -18.36
C VAL A 285 3.44 -27.57 -18.09
N HIS A 286 4.23 -27.52 -19.16
CA HIS A 286 5.63 -27.13 -19.02
C HIS A 286 5.71 -25.61 -18.90
N VAL A 287 6.41 -25.15 -17.88
CA VAL A 287 6.39 -23.74 -17.49
C VAL A 287 7.79 -23.17 -17.55
N ASP A 288 7.92 -22.00 -18.17
CA ASP A 288 9.16 -21.23 -18.22
C ASP A 288 9.35 -20.32 -17.03
N VAL A 289 8.28 -19.66 -16.55
CA VAL A 289 8.35 -18.64 -15.52
C VAL A 289 7.24 -18.87 -14.48
N ILE A 290 7.61 -18.85 -13.20
CA ILE A 290 6.65 -18.78 -12.10
C ILE A 290 6.82 -17.43 -11.42
N MET A 291 5.74 -16.66 -11.33
CA MET A 291 5.79 -15.35 -10.69
C MET A 291 4.93 -15.39 -9.43
N HIS A 292 5.52 -15.05 -8.29
CA HIS A 292 4.75 -14.90 -7.05
C HIS A 292 4.10 -13.52 -7.04
N CYS A 293 2.77 -13.46 -7.14
CA CYS A 293 2.06 -12.19 -6.88
CA CYS A 293 2.01 -12.23 -6.90
C CYS A 293 1.38 -12.28 -5.51
N THR A 294 2.20 -12.56 -4.51
CA THR A 294 1.75 -12.90 -3.17
C THR A 294 1.91 -11.75 -2.17
N GLY A 295 2.20 -10.55 -2.64
CA GLY A 295 2.18 -9.39 -1.77
C GLY A 295 3.47 -9.15 -1.00
N TYR A 296 3.31 -8.44 0.11
CA TYR A 296 4.44 -7.83 0.79
C TYR A 296 4.31 -7.99 2.30
N VAL A 297 5.38 -7.64 3.02
CA VAL A 297 5.38 -7.63 4.47
C VAL A 297 5.78 -6.23 4.93
N TYR A 298 5.41 -5.93 6.17
CA TYR A 298 5.87 -4.71 6.83
C TYR A 298 7.36 -4.85 7.12
N ASN A 299 8.08 -3.72 7.05
CA ASN A 299 9.52 -3.77 7.23
C ASN A 299 10.00 -2.40 7.70
N PHE A 300 10.47 -2.30 8.94
CA PHE A 300 11.03 -1.06 9.51
C PHE A 300 12.41 -1.32 10.09
N PRO A 301 13.42 -1.58 9.25
CA PRO A 301 14.74 -1.90 9.81
C PRO A 301 15.34 -0.79 10.69
N PHE A 302 14.97 0.45 10.44
CA PHE A 302 15.56 1.57 11.17
C PHE A 302 15.00 1.72 12.57
N LEU A 303 13.90 1.04 12.90
CA LEU A 303 13.11 1.40 14.06
C LEU A 303 13.54 0.57 15.28
N ASN A 304 14.02 1.24 16.32
CA ASN A 304 14.48 0.59 17.54
C ASN A 304 13.57 0.99 18.69
N THR A 305 12.72 0.04 19.13
CA THR A 305 11.77 0.25 20.22
C THR A 305 12.01 -0.68 21.40
N ASN A 306 13.12 -1.43 21.41
CA ASN A 306 13.41 -2.41 22.47
C ASN A 306 12.32 -3.48 22.57
N GLY A 307 11.76 -3.85 21.42
CA GLY A 307 10.74 -4.88 21.38
C GLY A 307 9.33 -4.40 21.63
N ILE A 308 9.13 -3.12 21.96
CA ILE A 308 7.79 -2.60 22.20
C ILE A 308 6.94 -2.73 20.94
N VAL A 309 7.52 -2.48 19.78
CA VAL A 309 6.84 -2.68 18.50
C VAL A 309 7.54 -3.85 17.81
N THR A 310 6.76 -4.88 17.48
CA THR A 310 7.24 -6.00 16.67
C THR A 310 6.40 -6.15 15.43
N VAL A 311 6.95 -6.91 14.47
CA VAL A 311 6.24 -7.35 13.27
C VAL A 311 6.24 -8.86 13.30
N ASP A 312 5.06 -9.47 13.32
CA ASP A 312 4.92 -10.92 13.44
C ASP A 312 3.84 -11.38 12.49
N ASP A 313 4.23 -12.00 11.38
CA ASP A 313 3.30 -12.51 10.37
C ASP A 313 2.30 -11.42 9.96
N ASN A 314 2.86 -10.25 9.64
CA ASN A 314 2.14 -9.04 9.22
C ASN A 314 1.17 -8.53 10.28
N ARG A 315 1.42 -8.83 11.56
CA ARG A 315 0.80 -8.09 12.66
C ARG A 315 1.85 -7.13 13.23
N VAL A 316 1.62 -5.84 13.07
CA VAL A 316 2.51 -4.82 13.59
C VAL A 316 1.98 -4.34 14.94
N GLY A 317 2.84 -4.27 15.94
CA GLY A 317 2.50 -3.52 17.12
C GLY A 317 2.85 -4.19 18.43
N PRO A 318 1.94 -4.11 19.42
CA PRO A 318 0.56 -3.60 19.33
C PRO A 318 0.40 -2.12 18.94
N LEU A 319 -0.63 -1.85 18.11
CA LEU A 319 -0.91 -0.50 17.61
C LEU A 319 -2.36 -0.17 17.89
N TYR A 320 -2.58 0.88 18.68
CA TYR A 320 -3.92 1.34 18.98
C TYR A 320 -4.50 1.97 17.72
N LYS A 321 -5.65 1.47 17.27
CA LYS A 321 -6.30 1.93 16.04
C LYS A 321 -5.36 1.85 14.83
N HIS A 322 -4.43 0.89 14.86
CA HIS A 322 -3.45 0.66 13.80
C HIS A 322 -2.43 1.80 13.66
N VAL A 323 -2.31 2.65 14.68
CA VAL A 323 -1.53 3.88 14.55
C VAL A 323 -0.51 4.03 15.67
N PHE A 324 -0.96 3.92 16.92
CA PHE A 324 -0.19 4.33 18.11
C PHE A 324 0.28 3.13 18.92
N PRO A 325 1.59 2.92 19.08
CA PRO A 325 2.06 1.96 20.10
C PRO A 325 1.68 2.45 21.48
N PRO A 326 0.87 1.68 22.23
CA PRO A 326 0.34 2.21 23.50
C PRO A 326 1.42 2.72 24.45
N LEU A 327 2.54 2.00 24.59
CA LEU A 327 3.56 2.42 25.53
C LEU A 327 4.34 3.64 25.05
N LEU A 328 4.32 3.95 23.75
CA LEU A 328 5.12 5.03 23.19
C LEU A 328 4.26 6.14 22.60
N ALA A 329 2.96 6.13 22.86
CA ALA A 329 2.04 7.10 22.26
C ALA A 329 2.02 8.37 23.11
N PRO A 330 1.92 9.56 22.48
CA PRO A 330 1.80 9.77 21.03
C PRO A 330 3.11 10.09 20.30
N SER A 331 4.25 9.95 20.97
CA SER A 331 5.52 10.37 20.36
C SER A 331 5.93 9.44 19.21
N LEU A 332 5.36 8.25 19.11
CA LEU A 332 5.62 7.42 17.94
C LEU A 332 4.28 7.00 17.36
N SER A 333 4.14 7.13 16.04
CA SER A 333 2.91 6.74 15.36
C SER A 333 3.23 6.26 13.94
N PHE A 334 2.26 5.57 13.35
CA PHE A 334 2.39 5.00 12.01
C PHE A 334 1.22 5.44 11.15
N VAL A 335 1.51 5.94 9.94
CA VAL A 335 0.46 6.30 8.98
C VAL A 335 0.49 5.30 7.82
N GLY A 336 -0.68 4.75 7.48
CA GLY A 336 -0.79 3.91 6.30
C GLY A 336 -0.56 2.43 6.53
N ILE A 337 -0.60 1.96 7.78
CA ILE A 337 -0.51 0.51 8.04
C ILE A 337 -1.66 -0.27 7.40
N PRO A 338 -2.94 0.15 7.52
CA PRO A 338 -4.03 -0.73 7.06
C PRO A 338 -3.94 -1.04 5.57
N TRP A 339 -4.56 -2.16 5.18
CA TRP A 339 -4.59 -2.53 3.77
C TRP A 339 -5.98 -3.01 3.39
N LYS A 340 -6.15 -3.25 2.08
CA LYS A 340 -7.47 -3.36 1.44
C LYS A 340 -8.28 -2.09 1.67
N ILE A 341 -7.63 -0.94 1.48
CA ILE A 341 -8.23 0.35 1.80
C ILE A 341 -8.08 1.28 0.60
N VAL A 342 -8.93 2.32 0.59
CA VAL A 342 -8.68 3.52 -0.20
C VAL A 342 -7.66 4.36 0.57
N PRO A 343 -6.39 4.42 0.13
CA PRO A 343 -5.33 4.90 1.03
C PRO A 343 -5.26 6.41 1.27
N PHE A 344 -5.49 7.26 0.25
CA PHE A 344 -5.20 8.68 0.43
C PHE A 344 -6.09 9.30 1.50
N PRO A 345 -7.42 9.17 1.46
CA PRO A 345 -8.23 9.76 2.55
C PRO A 345 -7.99 9.10 3.90
N LEU A 346 -7.70 7.79 3.94
CA LEU A 346 -7.40 7.14 5.22
C LEU A 346 -6.15 7.75 5.87
N CYS A 347 -5.07 7.90 5.10
CA CYS A 347 -3.85 8.49 5.64
C CYS A 347 -4.08 9.94 6.05
N GLU A 348 -4.91 10.65 5.28
CA GLU A 348 -5.27 12.03 5.61
C GLU A 348 -5.91 12.09 6.99
N LEU A 349 -6.87 11.20 7.25
CA LEU A 349 -7.59 11.24 8.51
C LEU A 349 -6.72 10.73 9.66
N GLN A 350 -5.88 9.72 9.40
CA GLN A 350 -4.95 9.28 10.42
C GLN A 350 -4.03 10.41 10.86
N SER A 351 -3.48 11.15 9.91
CA SER A 351 -2.50 12.15 10.29
C SER A 351 -3.18 13.38 10.86
N LYS A 352 -4.42 13.63 10.45
CA LYS A 352 -5.23 14.66 11.09
C LYS A 352 -5.46 14.33 12.56
N TRP A 353 -5.71 13.05 12.86
CA TRP A 353 -5.87 12.61 14.23
C TRP A 353 -4.56 12.74 15.01
N ILE A 354 -3.46 12.27 14.42
CA ILE A 354 -2.17 12.34 15.08
C ILE A 354 -1.82 13.79 15.43
N ALA A 355 -2.01 14.70 14.46
CA ALA A 355 -1.63 16.09 14.67
C ALA A 355 -2.45 16.71 15.82
N ALA A 356 -3.76 16.41 15.86
CA ALA A 356 -4.60 16.95 16.91
C ALA A 356 -4.25 16.37 18.27
N VAL A 357 -3.83 15.10 18.32
CA VAL A 357 -3.34 14.53 19.57
C VAL A 357 -2.05 15.24 20.01
N LEU A 358 -1.07 15.33 19.11
CA LEU A 358 0.21 15.95 19.45
C LEU A 358 0.04 17.38 19.92
N SER A 359 -0.93 18.11 19.38
CA SER A 359 -1.17 19.49 19.77
C SER A 359 -1.98 19.62 21.04
N GLY A 360 -2.44 18.50 21.61
CA GLY A 360 -3.28 18.56 22.79
C GLY A 360 -4.72 18.93 22.53
N ARG A 361 -5.10 19.20 21.28
CA ARG A 361 -6.49 19.55 20.99
C ARG A 361 -7.44 18.41 21.31
N ILE A 362 -7.01 17.16 21.11
CA ILE A 362 -7.79 16.02 21.53
C ILE A 362 -6.90 15.10 22.35
N SER A 363 -7.52 14.17 23.06
CA SER A 363 -6.81 13.29 23.96
C SER A 363 -6.84 11.85 23.46
N LEU A 364 -5.86 11.09 23.89
CA LEU A 364 -5.82 9.63 23.77
C LEU A 364 -6.28 9.01 25.09
N PRO A 365 -6.71 7.74 25.09
CA PRO A 365 -6.97 7.07 26.37
C PRO A 365 -5.69 6.86 27.15
N THR A 366 -5.77 6.32 28.35
CA THR A 366 -4.55 5.95 29.06
C THR A 366 -3.84 4.81 28.32
N LYS A 367 -2.54 4.65 28.63
CA LYS A 367 -1.77 3.56 28.03
C LYS A 367 -2.43 2.21 28.30
N LYS A 368 -2.93 2.01 29.52
CA LYS A 368 -3.60 0.76 29.84
C LYS A 368 -4.87 0.58 29.01
N GLU A 369 -5.64 1.65 28.85
CA GLU A 369 -6.86 1.54 28.04
C GLU A 369 -6.53 1.28 26.58
N MET A 370 -5.52 1.96 26.04
CA MET A 370 -5.12 1.66 24.68
C MET A 370 -4.67 0.20 24.55
N MET A 371 -3.89 -0.28 25.52
CA MET A 371 -3.41 -1.65 25.45
C MET A 371 -4.56 -2.65 25.58
N GLU A 372 -5.55 -2.34 26.43
CA GLU A 372 -6.73 -3.21 26.54
C GLU A 372 -7.52 -3.22 25.24
N ASP A 373 -7.58 -2.08 24.54
CA ASP A 373 -8.31 -2.02 23.28
C ASP A 373 -7.66 -2.93 22.23
N VAL A 374 -6.33 -2.89 22.13
CA VAL A 374 -5.65 -3.78 21.18
C VAL A 374 -5.90 -5.23 21.54
N GLU A 375 -5.80 -5.56 22.83
CA GLU A 375 -6.01 -6.94 23.26
C GLU A 375 -7.43 -7.40 22.97
N ALA A 376 -8.41 -6.51 23.16
CA ALA A 376 -9.79 -6.84 22.82
C ALA A 376 -9.92 -7.13 21.32
N TYR A 377 -9.25 -6.33 20.49
CA TYR A 377 -9.29 -6.55 19.06
C TYR A 377 -8.68 -7.90 18.70
N TYR A 378 -7.52 -8.22 19.28
CA TYR A 378 -6.86 -9.50 19.00
C TYR A 378 -7.75 -10.68 19.38
N LYS A 379 -8.51 -10.52 20.46
CA LYS A 379 -9.36 -11.62 20.92
C LYS A 379 -10.62 -11.75 20.08
N GLN A 380 -11.15 -10.63 19.57
CA GLN A 380 -12.21 -10.70 18.56
C GLN A 380 -11.76 -11.47 17.34
N MET A 381 -10.58 -11.12 16.80
CA MET A 381 -10.04 -11.85 15.65
C MET A 381 -9.95 -13.34 15.97
N GLU A 382 -9.37 -13.67 17.11
CA GLU A 382 -9.17 -15.07 17.48
C GLU A 382 -10.52 -15.77 17.66
N ALA A 383 -11.49 -15.07 18.24
CA ALA A 383 -12.83 -15.62 18.40
C ALA A 383 -13.59 -15.68 17.08
N ALA A 384 -13.05 -15.10 16.01
CA ALA A 384 -13.67 -15.19 14.70
C ALA A 384 -12.90 -16.08 13.75
N GLY A 385 -11.83 -16.72 14.20
CA GLY A 385 -11.01 -17.56 13.34
C GLY A 385 -10.13 -16.82 12.36
N ILE A 386 -9.87 -15.53 12.55
CA ILE A 386 -9.09 -14.73 11.61
C ILE A 386 -7.62 -14.87 11.95
N PRO A 387 -6.76 -15.31 11.02
CA PRO A 387 -5.34 -15.45 11.32
C PRO A 387 -4.64 -14.10 11.49
N LYS A 388 -3.47 -14.19 12.16
CA LYS A 388 -2.64 -13.03 12.48
C LYS A 388 -2.45 -12.10 11.29
N ARG A 389 -2.28 -12.66 10.09
CA ARG A 389 -1.81 -11.84 8.99
C ARG A 389 -2.88 -10.90 8.45
N TYR A 390 -4.13 -11.03 8.88
CA TYR A 390 -5.19 -10.10 8.50
C TYR A 390 -5.43 -9.00 9.53
N THR A 391 -4.52 -8.83 10.49
CA THR A 391 -4.77 -7.90 11.59
C THR A 391 -5.08 -6.50 11.07
N HIS A 392 -4.38 -6.05 10.03
CA HIS A 392 -4.53 -4.69 9.53
C HIS A 392 -5.36 -4.61 8.27
N ASN A 393 -5.97 -5.73 7.88
CA ASN A 393 -6.92 -5.77 6.77
C ASN A 393 -8.25 -5.21 7.28
N ILE A 394 -8.69 -4.08 6.76
CA ILE A 394 -9.94 -3.49 7.23
C ILE A 394 -10.86 -3.18 6.04
N GLY A 395 -10.77 -3.97 4.98
CA GLY A 395 -11.56 -3.70 3.79
C GLY A 395 -13.06 -3.62 4.04
N HIS A 396 -13.58 -4.47 4.92
CA HIS A 396 -15.02 -4.52 5.14
C HIS A 396 -15.54 -3.24 5.78
N ASN A 397 -14.81 -2.70 6.76
CA ASN A 397 -15.31 -1.58 7.55
C ASN A 397 -14.40 -0.36 7.46
N GLN A 398 -13.72 -0.18 6.32
CA GLN A 398 -12.67 0.85 6.25
C GLN A 398 -13.24 2.26 6.40
N PHE A 399 -14.44 2.51 5.88
CA PHE A 399 -14.99 3.85 5.98
C PHE A 399 -15.60 4.12 7.35
N ASP A 400 -16.01 3.05 8.06
CA ASP A 400 -16.36 3.20 9.47
C ASP A 400 -15.12 3.58 10.29
N TYR A 401 -13.98 2.97 9.96
CA TYR A 401 -12.72 3.35 10.58
C TYR A 401 -12.39 4.82 10.27
N ASP A 402 -12.44 5.19 8.99
CA ASP A 402 -12.26 6.59 8.61
C ASP A 402 -13.20 7.50 9.39
N ASP A 403 -14.48 7.14 9.47
CA ASP A 403 -15.43 7.99 10.16
C ASP A 403 -15.11 8.10 11.65
N TRP A 404 -14.64 7.01 12.26
CA TRP A 404 -14.19 7.10 13.65
C TRP A 404 -13.07 8.13 13.79
N LEU A 405 -12.12 8.11 12.88
CA LEU A 405 -11.06 9.12 12.89
C LEU A 405 -11.63 10.51 12.68
N ALA A 406 -12.53 10.66 11.70
CA ALA A 406 -13.14 11.96 11.45
C ALA A 406 -13.87 12.48 12.68
N ASN A 407 -14.59 11.61 13.38
CA ASN A 407 -15.28 12.06 14.57
C ASN A 407 -14.31 12.44 15.69
N GLU A 408 -13.16 11.77 15.77
CA GLU A 408 -12.17 12.16 16.76
C GLU A 408 -11.65 13.57 16.48
N CYS A 409 -11.44 13.89 15.21
CA CYS A 409 -10.87 15.18 14.79
C CYS A 409 -11.89 16.28 14.66
N GLY A 410 -13.17 15.97 14.71
CA GLY A 410 -14.16 16.95 14.30
C GLY A 410 -14.15 17.22 12.81
N TYR A 411 -13.88 16.22 11.98
CA TYR A 411 -13.93 16.38 10.53
C TYR A 411 -15.18 15.73 9.98
N SER A 412 -15.58 16.18 8.79
CA SER A 412 -16.73 15.58 8.12
C SER A 412 -16.49 14.09 7.89
N CYS A 413 -17.58 13.34 7.83
CA CYS A 413 -17.57 11.90 7.55
C CYS A 413 -17.41 11.65 6.04
N ILE A 414 -17.05 10.41 5.70
CA ILE A 414 -16.89 10.04 4.30
C ILE A 414 -18.22 10.23 3.57
N GLU A 415 -18.15 10.79 2.36
CA GLU A 415 -19.34 11.05 1.57
C GLU A 415 -20.03 9.73 1.20
N GLU A 416 -21.36 9.79 1.08
CA GLU A 416 -22.11 8.59 0.74
C GLU A 416 -21.78 8.09 -0.67
N TRP A 417 -21.62 9.02 -1.62
CA TRP A 417 -21.25 8.61 -2.98
C TRP A 417 -19.92 7.86 -2.98
N ARG A 418 -19.02 8.18 -2.03
CA ARG A 418 -17.72 7.52 -2.02
C ARG A 418 -17.83 6.11 -1.47
N ARG A 419 -18.68 5.91 -0.46
CA ARG A 419 -18.96 4.56 0.00
C ARG A 419 -19.57 3.73 -1.11
N LEU A 420 -20.54 4.31 -1.83
CA LEU A 420 -21.25 3.57 -2.87
C LEU A 420 -20.33 3.28 -4.07
N MET A 421 -19.50 4.24 -4.47
CA MET A 421 -18.59 3.99 -5.58
C MET A 421 -17.64 2.84 -5.24
N TYR A 422 -17.16 2.80 -3.99
CA TYR A 422 -16.27 1.72 -3.58
C TYR A 422 -16.97 0.37 -3.67
N LYS A 423 -18.22 0.27 -3.22
CA LYS A 423 -18.94 -0.99 -3.33
C LYS A 423 -19.17 -1.36 -4.79
N GLU A 424 -19.41 -0.35 -5.64
CA GLU A 424 -19.67 -0.60 -7.05
C GLU A 424 -18.43 -1.09 -7.78
N VAL A 425 -17.28 -0.45 -7.55
CA VAL A 425 -16.07 -0.86 -8.25
C VAL A 425 -15.55 -2.17 -7.69
N SER A 426 -15.73 -2.41 -6.38
CA SER A 426 -15.39 -3.71 -5.81
C SER A 426 -16.17 -4.83 -6.50
N LYS A 427 -17.46 -4.62 -6.74
CA LYS A 427 -18.26 -5.64 -7.41
C LYS A 427 -17.84 -5.81 -8.86
N ASN A 428 -17.57 -4.70 -9.57
CA ASN A 428 -17.19 -4.79 -10.97
C ASN A 428 -15.80 -5.38 -11.15
N ARG A 429 -14.89 -5.12 -10.22
CA ARG A 429 -13.54 -5.66 -10.30
C ARG A 429 -13.55 -7.18 -10.16
N LYS A 430 -14.41 -7.72 -9.28
CA LYS A 430 -14.53 -9.16 -9.14
C LYS A 430 -15.29 -9.77 -10.31
N GLU A 431 -16.31 -9.09 -10.81
CA GLU A 431 -17.15 -9.67 -11.87
C GLU A 431 -16.53 -9.53 -13.25
N ARG A 432 -15.91 -8.39 -13.55
CA ARG A 432 -15.45 -8.10 -14.90
C ARG A 432 -14.05 -7.48 -14.83
N PRO A 433 -13.06 -8.25 -14.35
CA PRO A 433 -11.71 -7.68 -14.18
C PRO A 433 -11.15 -7.14 -15.46
N GLU A 434 -11.61 -7.65 -16.59
CA GLU A 434 -11.09 -7.28 -17.90
C GLU A 434 -11.74 -6.02 -18.45
N SER A 435 -12.85 -5.56 -17.87
CA SER A 435 -13.54 -4.40 -18.42
C SER A 435 -13.97 -3.35 -17.42
N TYR A 436 -13.81 -3.56 -16.10
CA TYR A 436 -14.39 -2.61 -15.14
C TYR A 436 -13.77 -1.22 -15.25
N ARG A 437 -12.53 -1.12 -15.72
CA ARG A 437 -11.90 0.19 -15.82
C ARG A 437 -12.48 1.04 -16.94
N ASP A 438 -13.11 0.44 -17.94
CA ASP A 438 -13.58 1.22 -19.07
C ASP A 438 -15.08 1.16 -19.30
N GLU A 439 -15.78 0.25 -18.61
CA GLU A 439 -17.22 0.10 -18.76
C GLU A 439 -17.84 0.09 -17.36
N TRP A 440 -18.64 1.10 -17.06
CA TRP A 440 -19.23 1.24 -15.74
C TRP A 440 -20.62 1.81 -15.90
N ASP A 441 -21.41 1.70 -14.83
CA ASP A 441 -22.80 2.13 -14.87
C ASP A 441 -23.16 3.05 -13.71
N ASP A 442 -22.18 3.66 -13.06
CA ASP A 442 -22.47 4.54 -11.93
C ASP A 442 -22.18 5.99 -12.26
N ASP A 443 -22.64 6.45 -13.43
CA ASP A 443 -22.52 7.86 -13.79
C ASP A 443 -23.27 8.75 -12.81
N HIS A 444 -24.32 8.21 -12.16
CA HIS A 444 -25.09 8.98 -11.17
C HIS A 444 -24.27 9.24 -9.90
N LEU A 445 -23.36 8.34 -9.56
CA LEU A 445 -22.44 8.60 -8.45
C LEU A 445 -21.35 9.59 -8.86
N VAL A 446 -20.91 9.55 -10.11
CA VAL A 446 -19.97 10.55 -10.60
C VAL A 446 -20.58 11.94 -10.49
N ALA A 447 -21.84 12.08 -10.90
CA ALA A 447 -22.55 13.34 -10.79
C ALA A 447 -22.52 13.86 -9.36
N GLN A 448 -22.86 13.01 -8.39
CA GLN A 448 -22.82 13.40 -6.98
C GLN A 448 -21.41 13.83 -6.57
N ALA A 449 -20.39 13.03 -6.92
CA ALA A 449 -19.03 13.35 -6.51
C ALA A 449 -18.63 14.73 -7.03
N ARG A 450 -18.91 15.02 -8.29
CA ARG A 450 -18.53 16.31 -8.85
C ARG A 450 -19.29 17.45 -8.19
N GLU A 451 -20.49 17.17 -7.66
CA GLU A 451 -21.19 18.19 -6.90
C GLU A 451 -20.41 18.57 -5.64
N THR A 452 -19.99 17.57 -4.87
CA THR A 452 -19.24 17.88 -3.65
C THR A 452 -17.88 18.51 -3.97
N PHE A 453 -17.33 18.26 -5.17
CA PHE A 453 -16.01 18.80 -5.50
C PHE A 453 -16.05 20.30 -5.77
N SER A 454 -17.23 20.86 -6.07
CA SER A 454 -17.34 22.27 -6.44
C SER A 454 -16.70 23.20 -5.40
N LYS A 455 -16.94 22.94 -4.12
CA LYS A 455 -16.42 23.84 -3.10
C LYS A 455 -14.89 23.93 -3.09
N PHE A 456 -14.20 23.05 -3.79
CA PHE A 456 -12.73 23.13 -3.87
C PHE A 456 -12.27 23.61 -5.25
#